data_4JJ3
#
_entry.id   4JJ3
#
_cell.length_a   81.113
_cell.length_b   96.078
_cell.length_c   54.452
_cell.angle_alpha   90.00
_cell.angle_beta   113.31
_cell.angle_gamma   90.00
#
_symmetry.space_group_name_H-M   'C 1 2 1'
#
loop_
_entity.id
_entity.type
_entity.pdbx_description
1 polymer MamP
2 non-polymer 'HEME C'
#
_entity_poly.entity_id   1
_entity_poly.type   'polypeptide(L)'
_entity_poly.pdbx_seq_one_letter_code
;DLPGSDMSATPAPPDTPRGAPIVGGQGQAMGLPVAMQRRRGEQRAPVPALSDANGGFVAPNVQFSEAHWQGMEALPLSIE
LKRKLKLPLDLEGLLIDETSLNAAVSGLLAGDVLVAINGRKVKTLKKMQKETRRVQMDRRASLTVYRKGRLLTLTLSEEK
NLGLAQVETAPMILPGDIMPHPYRGPCTQCHAIGTTGHITPDPDGIVLPPGPIRAGAKMPHRDRGPCAACHAIIQLEHHH
HHH
;
_entity_poly.pdbx_strand_id   A,B
#
loop_
_chem_comp.id
_chem_comp.type
_chem_comp.name
_chem_comp.formula
HEC non-polymer 'HEME C' 'C34 H34 Fe N4 O4'
#
# COMPACT_ATOMS: atom_id res chain seq x y z
N GLY A 55 -19.93 8.54 -14.72
CA GLY A 55 -18.53 8.82 -14.26
C GLY A 55 -17.51 8.04 -15.08
N GLY A 56 -17.21 8.56 -16.27
CA GLY A 56 -16.24 7.96 -17.16
C GLY A 56 -15.86 8.88 -18.32
N PHE A 57 -15.00 9.86 -18.03
CA PHE A 57 -14.39 10.71 -19.08
C PHE A 57 -13.04 10.17 -19.59
N VAL A 58 -13.01 9.79 -20.87
CA VAL A 58 -11.81 9.26 -21.49
C VAL A 58 -11.24 10.27 -22.50
N ALA A 59 -9.92 10.42 -22.52
CA ALA A 59 -9.21 11.24 -23.51
C ALA A 59 -9.15 10.60 -24.92
N PRO A 60 -9.11 11.43 -25.99
CA PRO A 60 -9.07 10.90 -27.36
C PRO A 60 -7.79 10.11 -27.71
N ASN A 61 -6.93 9.80 -26.73
CA ASN A 61 -5.69 9.05 -27.01
C ASN A 61 -5.16 8.09 -25.88
N VAL A 62 -6.07 7.56 -25.05
CA VAL A 62 -5.73 6.55 -24.02
C VAL A 62 -4.91 5.42 -24.63
N GLN A 63 -3.65 5.28 -24.21
CA GLN A 63 -2.74 4.30 -24.82
C GLN A 63 -2.79 2.98 -24.06
N PHE A 64 -2.11 1.95 -24.56
CA PHE A 64 -2.12 0.65 -23.87
C PHE A 64 -1.04 0.59 -22.78
N SER A 65 -1.42 0.09 -21.60
CA SER A 65 -0.51 -0.08 -20.48
C SER A 65 0.14 -1.47 -20.48
N GLU A 66 -0.64 -2.46 -20.92
CA GLU A 66 -0.16 -3.84 -20.96
C GLU A 66 -0.90 -4.77 -21.94
N ALA A 67 -0.21 -5.88 -22.27
CA ALA A 67 -0.76 -6.98 -23.04
C ALA A 67 -0.54 -8.30 -22.28
N HIS A 68 -1.47 -9.24 -22.42
CA HIS A 68 -1.31 -10.57 -21.85
C HIS A 68 -1.43 -11.55 -22.96
N TRP A 69 -0.47 -12.46 -23.06
CA TRP A 69 -0.32 -13.40 -24.17
C TRP A 69 0.26 -14.70 -23.70
N GLN A 70 -0.49 -15.77 -23.90
CA GLN A 70 -0.10 -17.09 -23.48
C GLN A 70 0.67 -17.11 -22.18
N GLY A 71 0.27 -16.24 -21.26
CA GLY A 71 0.77 -16.27 -19.86
C GLY A 71 1.77 -15.19 -19.44
N MET A 72 2.28 -14.43 -20.41
CA MET A 72 3.15 -13.28 -20.13
C MET A 72 2.37 -11.96 -20.11
N GLU A 73 2.62 -11.10 -19.12
CA GLU A 73 2.08 -9.73 -19.10
C GLU A 73 3.14 -8.82 -19.74
N ALA A 74 2.80 -8.12 -20.82
CA ALA A 74 3.80 -7.25 -21.48
C ALA A 74 3.50 -5.78 -21.32
N LEU A 75 4.52 -4.99 -21.00
CA LEU A 75 4.37 -3.55 -20.77
C LEU A 75 5.46 -2.74 -21.49
N PRO A 76 5.10 -1.51 -21.94
CA PRO A 76 6.04 -0.67 -22.66
C PRO A 76 7.24 -0.50 -21.78
N LEU A 77 8.43 -0.56 -22.39
CA LEU A 77 9.69 -0.38 -21.67
C LEU A 77 10.07 1.10 -21.66
N SER A 78 9.69 1.79 -20.58
CA SER A 78 9.92 3.22 -20.43
C SER A 78 11.29 3.49 -19.83
N ILE A 79 11.69 4.78 -19.87
CA ILE A 79 12.94 5.26 -19.22
C ILE A 79 12.85 5.10 -17.69
N GLU A 80 11.63 5.21 -17.19
CA GLU A 80 11.38 4.98 -15.80
C GLU A 80 11.87 3.58 -15.47
N LEU A 81 11.40 2.59 -16.25
CA LEU A 81 11.69 1.16 -16.04
C LEU A 81 13.10 0.78 -16.46
N LYS A 82 13.63 1.45 -17.48
CA LYS A 82 15.00 1.18 -17.95
C LYS A 82 16.08 1.51 -16.92
N ARG A 83 15.93 2.68 -16.30
CA ARG A 83 16.77 3.11 -15.21
C ARG A 83 16.53 2.33 -13.91
N LYS A 84 15.23 2.09 -13.59
CA LYS A 84 14.82 1.25 -12.45
C LYS A 84 15.40 -0.18 -12.50
N LEU A 85 15.49 -0.80 -13.68
CA LEU A 85 16.06 -2.15 -13.71
C LEU A 85 17.46 -2.16 -14.23
N LYS A 86 18.10 -0.98 -14.25
CA LYS A 86 19.47 -0.79 -14.77
C LYS A 86 19.75 -1.43 -16.15
N LEU A 87 18.79 -1.28 -17.07
CA LEU A 87 18.91 -1.79 -18.46
C LEU A 87 19.53 -0.73 -19.42
N PRO A 88 20.06 -1.17 -20.57
CA PRO A 88 20.61 -0.15 -21.50
C PRO A 88 19.46 0.68 -22.05
N LEU A 89 19.72 1.98 -22.27
CA LEU A 89 18.67 2.96 -22.57
C LEU A 89 18.39 3.10 -24.06
N ASP A 90 19.23 2.41 -24.85
CA ASP A 90 19.07 2.26 -26.30
C ASP A 90 18.13 1.11 -26.64
N LEU A 91 18.01 0.17 -25.69
CA LEU A 91 17.16 -1.01 -25.84
C LEU A 91 15.72 -0.63 -26.16
N GLU A 92 15.21 -1.22 -27.25
CA GLU A 92 13.83 -1.07 -27.68
C GLU A 92 13.20 -2.44 -27.63
N GLY A 93 12.02 -2.54 -27.02
CA GLY A 93 11.23 -3.75 -27.00
C GLY A 93 10.25 -3.66 -25.85
N LEU A 94 9.53 -4.75 -25.58
CA LEU A 94 8.60 -4.81 -24.43
C LEU A 94 9.22 -5.52 -23.23
N LEU A 95 8.84 -5.05 -22.05
CA LEU A 95 9.26 -5.68 -20.81
C LEU A 95 8.24 -6.74 -20.46
N ILE A 96 8.76 -7.86 -19.94
CA ILE A 96 7.92 -8.93 -19.49
C ILE A 96 8.12 -9.05 -18.00
N ASP A 97 7.04 -8.81 -17.27
CA ASP A 97 7.19 -8.71 -15.85
C ASP A 97 6.49 -9.86 -15.10
N GLU A 98 5.71 -10.66 -15.81
CA GLU A 98 4.92 -11.70 -15.17
C GLU A 98 4.76 -12.82 -16.16
N THR A 99 5.32 -13.99 -15.86
CA THR A 99 5.16 -15.15 -16.76
C THR A 99 4.56 -16.34 -16.01
N SER A 100 3.56 -16.98 -16.61
CA SER A 100 2.99 -18.19 -16.03
C SER A 100 2.72 -19.13 -17.13
N LEU A 101 2.02 -20.22 -16.82
CA LEU A 101 1.63 -21.24 -17.82
C LEU A 101 2.59 -21.44 -19.02
N ASN A 102 2.11 -21.03 -20.21
CA ASN A 102 2.68 -21.44 -21.51
C ASN A 102 3.91 -20.66 -21.90
N ALA A 103 3.97 -19.44 -21.36
CA ALA A 103 5.04 -18.52 -21.61
C ALA A 103 6.16 -18.85 -20.68
N ALA A 104 5.84 -19.28 -19.47
CA ALA A 104 6.92 -19.62 -18.52
C ALA A 104 7.53 -20.93 -18.93
N VAL A 105 6.72 -21.73 -19.62
CA VAL A 105 7.09 -23.05 -19.99
C VAL A 105 8.12 -22.95 -21.10
N SER A 106 7.89 -21.99 -21.97
CA SER A 106 8.75 -21.84 -23.12
C SER A 106 10.12 -21.37 -22.74
N GLY A 107 10.39 -21.16 -21.44
CA GLY A 107 11.70 -20.65 -20.95
C GLY A 107 11.76 -19.18 -20.52
N LEU A 108 10.69 -18.45 -20.87
CA LEU A 108 10.52 -17.03 -20.58
C LEU A 108 10.38 -16.66 -19.08
N LEU A 109 11.31 -15.84 -18.59
CA LEU A 109 11.37 -15.44 -17.17
C LEU A 109 10.93 -13.98 -17.04
N ALA A 110 10.69 -13.52 -15.82
CA ALA A 110 10.36 -12.10 -15.64
C ALA A 110 11.65 -11.23 -15.62
N GLY A 111 11.53 -10.01 -16.16
CA GLY A 111 12.68 -9.13 -16.22
C GLY A 111 13.18 -9.18 -17.65
N ASP A 112 12.66 -10.16 -18.38
CA ASP A 112 13.02 -10.31 -19.78
C ASP A 112 12.34 -9.21 -20.61
N VAL A 113 12.96 -8.88 -21.75
CA VAL A 113 12.42 -7.85 -22.65
C VAL A 113 12.09 -8.56 -23.93
N LEU A 114 10.88 -8.33 -24.43
CA LEU A 114 10.45 -8.98 -25.65
C LEU A 114 10.81 -8.12 -26.87
N VAL A 115 11.86 -8.50 -27.56
CA VAL A 115 12.33 -7.71 -28.69
C VAL A 115 11.55 -8.01 -29.95
N ALA A 116 11.27 -9.30 -30.18
CA ALA A 116 10.66 -9.70 -31.45
C ALA A 116 9.89 -11.04 -31.43
N ILE A 117 9.04 -11.22 -32.43
CA ILE A 117 8.31 -12.45 -32.58
C ILE A 117 8.47 -12.88 -34.03
N ASN A 118 8.87 -14.13 -34.22
CA ASN A 118 8.97 -14.68 -35.56
C ASN A 118 9.88 -13.83 -36.40
N GLY A 119 10.78 -13.08 -35.75
CA GLY A 119 11.75 -12.24 -36.48
C GLY A 119 11.33 -10.80 -36.71
N ARG A 120 10.04 -10.52 -36.55
CA ARG A 120 9.53 -9.14 -36.62
C ARG A 120 9.64 -8.40 -35.31
N LYS A 121 10.21 -7.20 -35.40
CA LYS A 121 10.49 -6.42 -34.22
C LYS A 121 9.20 -5.95 -33.58
N VAL A 122 9.16 -6.01 -32.25
CA VAL A 122 8.04 -5.45 -31.45
C VAL A 122 8.52 -4.47 -30.38
N LYS A 123 8.40 -3.18 -30.69
CA LYS A 123 8.87 -2.12 -29.80
C LYS A 123 7.71 -1.49 -29.02
N THR A 124 6.50 -1.64 -29.55
CA THR A 124 5.31 -1.15 -28.86
C THR A 124 4.28 -2.22 -28.68
N LEU A 125 3.33 -1.92 -27.82
CA LEU A 125 2.22 -2.83 -27.67
C LEU A 125 1.47 -2.90 -28.99
N LYS A 126 1.00 -1.75 -29.51
CA LYS A 126 0.26 -1.76 -30.78
C LYS A 126 0.89 -2.65 -31.83
N LYS A 127 2.22 -2.61 -31.92
CA LYS A 127 2.96 -3.42 -32.88
C LYS A 127 3.01 -4.89 -32.47
N MET A 128 3.13 -5.16 -31.16
CA MET A 128 3.11 -6.55 -30.67
C MET A 128 1.73 -7.24 -30.86
N GLN A 129 0.62 -6.48 -30.75
CA GLN A 129 -0.71 -7.04 -30.96
C GLN A 129 -0.83 -7.41 -32.44
N LYS A 130 -0.73 -6.40 -33.33
CA LYS A 130 -0.70 -6.55 -34.81
C LYS A 130 -0.08 -7.88 -35.15
N GLU A 131 1.03 -8.14 -34.47
CA GLU A 131 1.85 -9.32 -34.64
C GLU A 131 1.23 -10.62 -34.15
N THR A 132 0.46 -10.57 -33.08
CA THR A 132 -0.10 -11.78 -32.51
C THR A 132 -1.31 -12.09 -33.35
N ARG A 133 -1.97 -11.06 -33.86
CA ARG A 133 -3.05 -11.27 -34.82
C ARG A 133 -2.59 -12.07 -36.07
N ARG A 134 -1.37 -11.76 -36.53
CA ARG A 134 -0.81 -12.36 -37.73
C ARG A 134 -0.70 -13.88 -37.57
N VAL A 135 -0.11 -14.30 -36.45
CA VAL A 135 0.09 -15.73 -36.19
C VAL A 135 -0.84 -16.27 -35.13
N GLN A 136 -2.00 -15.65 -34.97
CA GLN A 136 -2.90 -16.06 -33.90
C GLN A 136 -3.42 -17.47 -34.01
N MET A 137 -3.44 -18.01 -35.21
CA MET A 137 -3.98 -19.33 -35.40
C MET A 137 -2.89 -20.39 -35.33
N ASP A 138 -1.63 -19.96 -35.30
CA ASP A 138 -0.52 -20.89 -35.19
C ASP A 138 -0.44 -21.46 -33.80
N ARG A 139 0.31 -22.54 -33.67
CA ARG A 139 0.49 -23.21 -32.38
C ARG A 139 1.85 -22.87 -31.83
N ARG A 140 2.70 -22.31 -32.68
CA ARG A 140 4.05 -21.93 -32.30
C ARG A 140 4.43 -20.62 -33.00
N ALA A 141 5.14 -19.77 -32.24
CA ALA A 141 5.79 -18.58 -32.76
C ALA A 141 7.11 -18.52 -32.07
N SER A 142 8.04 -17.80 -32.70
CA SER A 142 9.37 -17.59 -32.15
C SER A 142 9.40 -16.39 -31.18
N LEU A 143 10.23 -16.51 -30.14
CA LEU A 143 10.49 -15.43 -29.19
C LEU A 143 11.94 -14.99 -29.23
N THR A 144 12.18 -13.76 -29.68
CA THR A 144 13.49 -13.14 -29.53
C THR A 144 13.46 -12.31 -28.25
N VAL A 145 14.33 -12.65 -27.31
CA VAL A 145 14.31 -11.97 -26.02
C VAL A 145 15.68 -11.40 -25.65
N TYR A 146 15.67 -10.33 -24.84
CA TYR A 146 16.88 -9.77 -24.26
C TYR A 146 16.95 -10.14 -22.77
N ARG A 147 18.00 -10.86 -22.40
CA ARG A 147 18.24 -11.24 -21.00
C ARG A 147 19.73 -11.17 -20.65
N LYS A 148 20.07 -10.27 -19.72
CA LYS A 148 21.45 -10.11 -19.23
C LYS A 148 22.46 -9.77 -20.31
N GLY A 149 21.99 -9.20 -21.41
CA GLY A 149 22.85 -8.80 -22.50
C GLY A 149 22.88 -9.82 -23.61
N ARG A 150 22.23 -10.95 -23.40
CA ARG A 150 22.25 -11.98 -24.42
C ARG A 150 20.91 -11.92 -25.16
N LEU A 151 20.97 -12.07 -26.48
CA LEU A 151 19.72 -12.23 -27.19
C LEU A 151 19.40 -13.71 -27.32
N LEU A 152 18.54 -14.19 -26.42
CA LEU A 152 18.11 -15.59 -26.43
C LEU A 152 17.01 -15.78 -27.44
N THR A 153 16.75 -17.05 -27.78
CA THR A 153 15.55 -17.41 -28.55
C THR A 153 14.71 -18.47 -27.86
N LEU A 154 13.39 -18.34 -28.01
CA LEU A 154 12.44 -19.29 -27.42
C LEU A 154 11.23 -19.62 -28.32
N THR A 155 10.66 -20.80 -28.12
CA THR A 155 9.45 -21.13 -28.84
C THR A 155 8.34 -20.97 -27.81
N LEU A 156 7.24 -20.34 -28.22
CA LEU A 156 6.02 -20.31 -27.40
C LEU A 156 5.03 -21.32 -27.98
N SER A 157 4.30 -22.07 -27.14
CA SER A 157 3.41 -23.15 -27.64
C SER A 157 1.98 -23.27 -27.09
N GLU A 158 1.06 -23.82 -27.87
CA GLU A 158 -0.30 -24.14 -27.38
C GLU A 158 -0.96 -25.21 -28.26
N GLU A 159 -1.62 -26.19 -27.67
CA GLU A 159 -2.06 -27.32 -28.45
C GLU A 159 -3.35 -27.06 -29.25
N LYS A 160 -4.14 -26.07 -28.86
CA LYS A 160 -5.19 -25.59 -29.75
C LYS A 160 -4.55 -24.55 -30.70
N ASN A 161 -4.42 -23.30 -30.22
CA ASN A 161 -3.86 -22.20 -31.01
C ASN A 161 -3.45 -21.08 -30.08
N LEU A 162 -2.48 -20.28 -30.50
CA LEU A 162 -1.92 -19.23 -29.62
C LEU A 162 -2.93 -18.14 -29.33
N GLY A 163 -3.53 -17.57 -30.37
CA GLY A 163 -4.53 -16.53 -30.15
C GLY A 163 -3.97 -15.10 -30.10
N LEU A 164 -4.91 -14.16 -29.99
CA LEU A 164 -4.58 -12.75 -29.97
C LEU A 164 -4.21 -12.29 -28.57
N ALA A 165 -3.09 -11.58 -28.44
CA ALA A 165 -2.71 -10.95 -27.16
C ALA A 165 -3.60 -9.75 -26.83
N GLN A 166 -4.28 -9.80 -25.67
CA GLN A 166 -5.29 -8.76 -25.33
C GLN A 166 -4.68 -7.65 -24.49
N VAL A 167 -5.13 -6.44 -24.79
CA VAL A 167 -4.48 -5.23 -24.28
C VAL A 167 -5.36 -4.57 -23.25
N GLU A 168 -4.70 -3.77 -22.40
CA GLU A 168 -5.29 -3.12 -21.23
C GLU A 168 -4.79 -1.68 -21.26
N THR A 169 -5.58 -0.75 -20.70
CA THR A 169 -5.11 0.63 -20.41
C THR A 169 -4.95 0.76 -18.88
N ALA A 170 -4.34 1.86 -18.45
CA ALA A 170 -4.29 2.14 -17.02
C ALA A 170 -5.72 2.22 -16.50
N PRO A 171 -5.94 1.82 -15.23
CA PRO A 171 -7.29 1.69 -14.71
C PRO A 171 -7.88 3.08 -14.59
N MET A 172 -9.20 3.17 -14.64
CA MET A 172 -9.85 4.45 -14.52
C MET A 172 -9.64 4.96 -13.11
N ILE A 173 -9.33 6.25 -12.97
CA ILE A 173 -9.01 6.81 -11.66
C ILE A 173 -9.93 7.95 -11.31
N LEU A 174 -9.92 8.36 -10.04
CA LEU A 174 -10.77 9.44 -9.56
C LEU A 174 -10.10 10.79 -9.75
N PRO A 175 -10.90 11.86 -9.90
CA PRO A 175 -10.32 13.19 -9.94
C PRO A 175 -9.30 13.40 -8.83
N GLY A 176 -9.73 13.18 -7.58
CA GLY A 176 -8.87 13.49 -6.42
C GLY A 176 -7.82 12.44 -6.06
N ASP A 177 -7.54 11.52 -6.97
CA ASP A 177 -6.72 10.32 -6.66
C ASP A 177 -5.24 10.60 -6.62
N ILE A 178 -4.50 9.79 -5.87
CA ILE A 178 -3.08 10.12 -5.66
C ILE A 178 -2.13 9.27 -6.50
N MET A 179 -1.22 9.96 -7.18
CA MET A 179 -0.28 9.31 -8.07
C MET A 179 0.72 8.45 -7.29
N PRO A 180 0.68 7.11 -7.47
CA PRO A 180 1.53 6.23 -6.67
C PRO A 180 2.85 5.92 -7.39
N HIS A 181 3.23 6.77 -8.33
CA HIS A 181 4.37 6.50 -9.20
C HIS A 181 4.92 7.83 -9.62
N PRO A 182 6.20 7.88 -10.04
CA PRO A 182 6.83 9.11 -10.54
C PRO A 182 5.97 9.77 -11.62
N TYR A 183 6.16 11.06 -11.83
CA TYR A 183 5.42 11.75 -12.85
C TYR A 183 5.74 11.14 -14.23
N ARG A 184 4.76 11.17 -15.15
CA ARG A 184 4.84 10.40 -16.39
C ARG A 184 4.17 11.21 -17.50
N GLY A 185 3.72 12.41 -17.18
CA GLY A 185 2.89 13.16 -18.15
C GLY A 185 1.47 13.45 -17.68
N PRO A 186 0.77 14.35 -18.38
CA PRO A 186 -0.62 14.63 -18.08
C PRO A 186 -1.36 13.34 -17.71
N CYS A 187 -2.34 13.38 -16.81
CA CYS A 187 -3.05 12.14 -16.42
C CYS A 187 -4.02 11.52 -17.43
N THR A 188 -4.82 12.36 -18.10
CA THR A 188 -5.79 11.85 -19.10
C THR A 188 -5.12 11.04 -20.22
N GLN A 189 -3.79 11.12 -20.30
CA GLN A 189 -2.98 10.41 -21.31
C GLN A 189 -2.90 8.91 -21.10
N CYS A 190 -3.12 8.45 -19.87
CA CYS A 190 -3.11 7.02 -19.62
C CYS A 190 -4.34 6.54 -18.88
N HIS A 191 -4.94 7.43 -18.09
CA HIS A 191 -6.10 7.11 -17.24
C HIS A 191 -7.38 7.68 -17.75
N ALA A 192 -8.43 6.93 -17.56
CA ALA A 192 -9.77 7.45 -17.68
C ALA A 192 -10.23 8.01 -16.31
N ILE A 193 -10.79 9.23 -16.33
CA ILE A 193 -11.23 9.91 -15.13
C ILE A 193 -12.69 9.64 -14.83
N GLY A 194 -12.97 9.15 -13.63
CA GLY A 194 -14.35 8.91 -13.22
C GLY A 194 -14.49 7.90 -12.11
N THR A 195 -15.64 7.23 -12.06
CA THR A 195 -15.96 6.27 -10.99
C THR A 195 -16.46 4.92 -11.51
N THR A 196 -16.91 4.83 -12.77
CA THR A 196 -17.27 3.56 -13.40
C THR A 196 -16.01 2.80 -13.79
N GLY A 197 -16.14 1.63 -14.42
CA GLY A 197 -14.99 0.73 -14.57
C GLY A 197 -14.41 0.50 -13.17
N HIS A 198 -15.26 0.83 -12.18
CA HIS A 198 -15.01 0.78 -10.73
C HIS A 198 -14.82 -0.61 -10.18
N ILE A 199 -15.80 -1.01 -9.34
CA ILE A 199 -15.73 -2.18 -8.48
C ILE A 199 -15.17 -1.61 -7.19
N THR A 200 -15.71 -0.45 -6.84
CA THR A 200 -15.40 0.18 -5.57
C THR A 200 -16.61 0.21 -4.62
N PRO A 201 -16.35 0.04 -3.32
CA PRO A 201 -15.00 -0.21 -2.75
C PRO A 201 -14.38 -1.53 -3.22
N ASP A 202 -13.07 -1.53 -3.46
CA ASP A 202 -12.32 -2.71 -3.94
C ASP A 202 -12.49 -3.93 -3.00
N PRO A 203 -13.01 -5.07 -3.54
CA PRO A 203 -13.29 -6.30 -2.79
C PRO A 203 -12.27 -6.60 -1.68
N ASP A 204 -11.00 -6.62 -2.06
CA ASP A 204 -9.87 -6.86 -1.17
C ASP A 204 -9.85 -6.02 0.13
N GLY A 205 -10.45 -4.83 0.10
CA GLY A 205 -10.60 -4.02 1.30
C GLY A 205 -11.93 -4.18 2.04
N ILE A 206 -12.66 -5.26 1.76
CA ILE A 206 -13.86 -5.56 2.52
C ILE A 206 -13.54 -6.73 3.40
N VAL A 207 -13.88 -6.61 4.67
CA VAL A 207 -13.61 -7.65 5.65
C VAL A 207 -14.89 -8.46 5.87
N LEU A 208 -14.73 -9.78 5.98
CA LEU A 208 -15.87 -10.64 6.28
C LEU A 208 -15.90 -10.97 7.75
N PRO A 209 -17.05 -10.75 8.41
CA PRO A 209 -17.33 -11.24 9.76
C PRO A 209 -17.14 -12.75 9.77
N PRO A 210 -16.23 -13.28 10.61
CA PRO A 210 -15.77 -14.66 10.56
C PRO A 210 -16.96 -15.64 10.55
N GLY A 211 -17.97 -15.30 11.32
CA GLY A 211 -19.23 -15.96 11.19
C GLY A 211 -19.38 -17.00 12.25
N PRO A 212 -20.62 -17.13 12.79
CA PRO A 212 -21.11 -18.03 13.85
C PRO A 212 -20.56 -19.43 13.81
N ILE A 213 -20.35 -19.98 15.00
CA ILE A 213 -19.76 -21.30 15.17
C ILE A 213 -20.50 -21.94 16.33
N ARG A 214 -20.84 -23.22 16.20
CA ARG A 214 -21.53 -23.94 17.25
C ARG A 214 -20.52 -24.18 18.38
N ALA A 215 -20.98 -24.16 19.62
CA ALA A 215 -20.10 -24.42 20.78
C ALA A 215 -19.31 -25.74 20.62
N GLY A 216 -17.99 -25.71 20.77
CA GLY A 216 -17.22 -26.93 20.62
C GLY A 216 -16.83 -27.16 19.17
N ALA A 217 -17.16 -26.19 18.32
CA ALA A 217 -16.67 -26.17 16.95
C ALA A 217 -15.21 -26.61 16.92
N LYS A 218 -14.76 -27.07 15.77
CA LYS A 218 -13.38 -27.48 15.65
C LYS A 218 -12.56 -26.33 15.07
N MET A 219 -11.32 -26.21 15.51
CA MET A 219 -10.52 -25.09 15.12
C MET A 219 -9.86 -25.43 13.79
N PRO A 220 -10.25 -24.72 12.71
CA PRO A 220 -9.63 -24.90 11.42
C PRO A 220 -8.32 -24.14 11.35
N HIS A 221 -8.22 -23.05 12.10
CA HIS A 221 -7.09 -22.12 12.00
C HIS A 221 -6.26 -22.14 13.24
N ARG A 222 -5.08 -21.53 13.19
CA ARG A 222 -4.20 -21.39 14.34
C ARG A 222 -4.93 -20.81 15.59
N ASP A 223 -4.27 -20.92 16.74
CA ASP A 223 -4.76 -20.28 17.95
C ASP A 223 -4.71 -18.80 17.70
N ARG A 224 -5.87 -18.17 17.69
CA ARG A 224 -5.94 -16.72 17.58
C ARG A 224 -6.43 -15.98 18.82
N GLY A 225 -7.07 -16.72 19.73
CA GLY A 225 -7.54 -16.16 21.00
C GLY A 225 -8.90 -16.74 21.30
N PRO A 226 -9.55 -16.22 22.36
CA PRO A 226 -10.87 -16.62 22.85
C PRO A 226 -11.97 -16.58 21.79
N CYS A 227 -12.46 -17.76 21.46
CA CYS A 227 -13.50 -17.94 20.44
C CYS A 227 -14.58 -16.88 20.42
N ALA A 228 -14.65 -16.08 21.47
CA ALA A 228 -15.79 -15.18 21.63
C ALA A 228 -15.46 -13.77 21.12
N ALA A 229 -14.18 -13.56 20.85
CA ALA A 229 -13.74 -12.23 20.42
C ALA A 229 -14.18 -11.97 18.96
N CYS A 230 -14.11 -12.99 18.11
CA CYS A 230 -14.40 -12.82 16.68
C CYS A 230 -15.68 -13.46 16.17
N HIS A 231 -16.07 -14.56 16.81
CA HIS A 231 -17.16 -15.39 16.36
C HIS A 231 -18.36 -15.12 17.20
N ALA A 232 -19.54 -15.17 16.59
CA ALA A 232 -20.77 -15.27 17.37
C ALA A 232 -21.00 -16.76 17.62
N ILE A 233 -20.96 -17.12 18.89
CA ILE A 233 -21.14 -18.49 19.34
C ILE A 233 -22.63 -18.88 19.33
N ILE A 234 -22.92 -20.17 19.14
CA ILE A 234 -24.29 -20.67 19.28
C ILE A 234 -24.51 -21.50 20.57
N GLN A 235 -24.78 -20.78 21.68
CA GLN A 235 -25.03 -21.36 23.03
C GLN A 235 -23.76 -21.73 23.83
N PHE B 57 19.26 15.82 5.76
CA PHE B 57 19.00 17.28 5.87
C PHE B 57 17.72 17.59 6.67
N VAL B 58 17.93 18.15 7.87
CA VAL B 58 16.83 18.67 8.68
C VAL B 58 16.73 20.19 8.44
N ALA B 59 15.53 20.65 8.14
CA ALA B 59 15.24 22.07 7.87
C ALA B 59 15.02 22.91 9.16
N PRO B 60 15.21 24.26 9.07
CA PRO B 60 14.82 25.22 10.12
C PRO B 60 13.31 25.41 10.35
N ASN B 61 12.52 24.37 10.01
CA ASN B 61 11.05 24.38 10.28
C ASN B 61 10.29 23.01 10.38
N VAL B 62 11.01 21.87 10.49
CA VAL B 62 10.37 20.53 10.66
C VAL B 62 9.46 20.58 11.88
N GLN B 63 8.16 20.40 11.65
CA GLN B 63 7.15 20.58 12.69
C GLN B 63 6.81 19.25 13.31
N PHE B 64 5.97 19.25 14.35
CA PHE B 64 5.50 17.98 14.94
C PHE B 64 4.37 17.39 14.10
N SER B 65 4.50 16.10 13.80
CA SER B 65 3.52 15.35 13.03
C SER B 65 2.56 14.64 13.96
N GLU B 66 3.04 14.26 15.13
CA GLU B 66 2.23 13.60 16.16
C GLU B 66 2.80 13.70 17.58
N ALA B 67 1.88 13.56 18.55
CA ALA B 67 2.22 13.27 19.95
C ALA B 67 1.52 11.96 20.45
N HIS B 68 2.12 11.29 21.43
CA HIS B 68 1.46 10.14 22.08
C HIS B 68 1.44 10.31 23.55
N TRP B 69 0.24 10.25 24.14
CA TRP B 69 0.06 10.56 25.56
C TRP B 69 -0.94 9.65 26.28
N GLN B 70 -0.39 8.86 27.20
CA GLN B 70 -1.14 7.87 27.96
C GLN B 70 -1.92 6.90 27.10
N GLY B 71 -1.46 6.72 25.87
CA GLY B 71 -2.07 5.76 24.96
C GLY B 71 -2.95 6.35 23.87
N MET B 72 -3.06 7.69 23.84
CA MET B 72 -3.66 8.42 22.71
C MET B 72 -2.59 8.94 21.73
N GLU B 73 -2.80 8.85 20.42
CA GLU B 73 -1.95 9.53 19.42
C GLU B 73 -2.58 10.87 19.11
N ALA B 74 -1.77 11.93 19.14
CA ALA B 74 -2.30 13.26 18.84
C ALA B 74 -1.73 13.82 17.56
N LEU B 75 -2.65 14.35 16.74
CA LEU B 75 -2.40 14.78 15.39
C LEU B 75 -2.87 16.23 15.21
N PRO B 76 -2.20 16.99 14.32
CA PRO B 76 -2.62 18.38 14.09
C PRO B 76 -3.85 18.36 13.23
N LEU B 77 -4.86 19.14 13.61
CA LEU B 77 -6.13 19.12 12.88
C LEU B 77 -6.04 19.97 11.60
N SER B 78 -5.68 19.32 10.49
CA SER B 78 -5.45 20.01 9.24
C SER B 78 -6.76 20.22 8.52
N ILE B 79 -6.74 20.95 7.41
CA ILE B 79 -7.93 21.21 6.58
C ILE B 79 -8.19 19.97 5.69
N GLU B 80 -7.09 19.32 5.36
CA GLU B 80 -7.10 18.05 4.67
C GLU B 80 -7.89 16.97 5.45
N LEU B 81 -7.64 16.88 6.77
CA LEU B 81 -8.36 15.97 7.67
C LEU B 81 -9.77 16.42 8.04
N LYS B 82 -10.01 17.73 8.09
CA LYS B 82 -11.30 18.22 8.49
C LYS B 82 -12.39 17.98 7.44
N ARG B 83 -12.00 17.91 6.15
CA ARG B 83 -12.95 17.63 5.04
C ARG B 83 -13.15 16.11 4.82
N LYS B 84 -12.04 15.35 4.87
CA LYS B 84 -12.05 13.90 4.95
C LYS B 84 -12.97 13.40 6.07
N LEU B 85 -13.01 14.11 7.20
CA LEU B 85 -13.80 13.64 8.33
C LEU B 85 -15.08 14.43 8.52
N LYS B 86 -15.42 15.23 7.51
CA LYS B 86 -16.64 16.05 7.53
C LYS B 86 -16.82 16.79 8.84
N LEU B 87 -15.71 17.31 9.37
CA LEU B 87 -15.70 18.12 10.59
C LEU B 87 -15.99 19.60 10.25
N PRO B 88 -16.50 20.36 11.25
CA PRO B 88 -16.54 21.83 11.19
C PRO B 88 -15.18 22.44 10.74
N LEU B 89 -15.25 23.45 9.89
CA LEU B 89 -14.08 23.90 9.14
C LEU B 89 -13.16 24.81 9.90
N ASP B 90 -13.72 25.52 10.87
CA ASP B 90 -12.96 26.44 11.74
C ASP B 90 -12.69 25.82 13.10
N LEU B 91 -13.08 24.56 13.28
CA LEU B 91 -12.85 23.86 14.55
C LEU B 91 -11.38 23.80 14.84
N GLU B 92 -11.00 24.15 16.06
CA GLU B 92 -9.61 24.12 16.50
C GLU B 92 -9.47 23.09 17.62
N GLY B 93 -8.33 22.40 17.64
CA GLY B 93 -8.05 21.39 18.65
C GLY B 93 -7.14 20.43 17.93
N LEU B 94 -6.79 19.32 18.57
CA LEU B 94 -6.05 18.22 17.92
C LEU B 94 -6.95 16.98 17.72
N LEU B 95 -6.56 16.14 16.75
CA LEU B 95 -7.34 14.94 16.42
C LEU B 95 -6.78 13.70 17.06
N ILE B 96 -7.65 12.97 17.76
CA ILE B 96 -7.23 11.72 18.36
C ILE B 96 -7.62 10.56 17.45
N ASP B 97 -6.62 9.90 16.91
CA ASP B 97 -6.93 8.93 15.90
C ASP B 97 -6.64 7.52 16.35
N GLU B 98 -6.31 7.35 17.62
CA GLU B 98 -5.77 6.08 18.08
C GLU B 98 -5.73 6.13 19.59
N THR B 99 -6.65 5.43 20.24
CA THR B 99 -6.59 5.31 21.70
C THR B 99 -6.26 3.84 22.08
N SER B 100 -5.28 3.61 22.95
CA SER B 100 -5.07 2.28 23.53
C SER B 100 -4.81 2.45 25.01
N LEU B 101 -4.97 1.39 25.80
CA LEU B 101 -4.73 1.49 27.26
C LEU B 101 -5.47 2.67 27.96
N ASN B 102 -4.68 3.61 28.52
CA ASN B 102 -5.14 4.54 29.56
C ASN B 102 -6.06 5.61 29.04
N ALA B 103 -5.85 5.89 27.75
CA ALA B 103 -6.54 6.95 27.07
C ALA B 103 -7.89 6.43 26.83
N ALA B 104 -7.98 5.13 26.52
CA ALA B 104 -9.24 4.51 26.08
C ALA B 104 -10.08 4.20 27.30
N VAL B 105 -9.39 4.03 28.43
CA VAL B 105 -10.00 3.79 29.68
C VAL B 105 -10.70 5.10 30.08
N SER B 106 -10.07 6.23 29.78
CA SER B 106 -10.66 7.53 30.13
C SER B 106 -12.01 7.75 29.44
N GLY B 107 -12.26 6.99 28.37
CA GLY B 107 -13.48 7.19 27.53
C GLY B 107 -13.19 7.89 26.21
N LEU B 108 -11.89 8.15 25.97
CA LEU B 108 -11.42 8.77 24.74
C LEU B 108 -11.67 7.82 23.56
N LEU B 109 -12.00 8.39 22.39
CA LEU B 109 -12.33 7.60 21.19
C LEU B 109 -11.59 8.10 19.95
N ALA B 110 -11.35 7.24 18.96
CA ALA B 110 -10.67 7.72 17.74
C ALA B 110 -11.66 8.54 16.91
N GLY B 111 -11.25 9.71 16.46
CA GLY B 111 -12.13 10.53 15.67
C GLY B 111 -12.50 11.70 16.54
N ASP B 112 -12.10 11.62 17.80
CA ASP B 112 -12.41 12.68 18.74
C ASP B 112 -11.33 13.71 18.63
N VAL B 113 -11.66 14.94 19.03
CA VAL B 113 -10.77 16.09 18.91
C VAL B 113 -10.56 16.69 20.30
N LEU B 114 -9.30 16.82 20.69
CA LEU B 114 -8.94 17.22 22.04
C LEU B 114 -8.85 18.73 22.11
N VAL B 115 -9.80 19.37 22.77
CA VAL B 115 -9.83 20.84 22.70
C VAL B 115 -9.05 21.47 23.87
N ALA B 116 -8.95 20.74 24.99
CA ALA B 116 -8.39 21.28 26.24
C ALA B 116 -8.02 20.25 27.30
N ILE B 117 -7.14 20.67 28.19
CA ILE B 117 -6.62 19.87 29.28
C ILE B 117 -6.55 20.78 30.49
N ASN B 118 -7.38 20.46 31.49
CA ASN B 118 -7.45 21.23 32.72
C ASN B 118 -7.90 22.61 32.30
N GLY B 119 -8.65 22.66 31.19
CA GLY B 119 -9.27 23.91 30.69
C GLY B 119 -8.35 24.87 29.94
N ARG B 120 -7.16 24.42 29.52
CA ARG B 120 -6.37 25.24 28.61
C ARG B 120 -6.64 24.87 27.20
N LYS B 121 -7.04 25.85 26.41
CA LYS B 121 -7.36 25.59 25.04
C LYS B 121 -6.07 25.12 24.37
N VAL B 122 -6.04 23.84 23.98
CA VAL B 122 -4.90 23.26 23.21
C VAL B 122 -5.16 23.24 21.70
N LYS B 123 -4.52 24.14 20.96
CA LYS B 123 -4.75 24.23 19.52
C LYS B 123 -3.66 23.56 18.68
N THR B 124 -2.48 23.38 19.25
CA THR B 124 -1.35 22.84 18.48
C THR B 124 -0.65 21.70 19.19
N LEU B 125 0.27 21.08 18.48
CA LEU B 125 1.11 20.06 19.08
C LEU B 125 2.14 20.70 20.00
N LYS B 126 2.63 21.89 19.69
CA LYS B 126 3.53 22.59 20.60
C LYS B 126 2.90 22.75 21.98
N LYS B 127 1.77 23.46 22.03
CA LYS B 127 0.96 23.73 23.24
C LYS B 127 0.54 22.48 24.00
N MET B 128 -0.13 21.54 23.33
CA MET B 128 -0.52 20.27 23.97
C MET B 128 0.62 19.73 24.86
N GLN B 129 1.83 19.69 24.32
CA GLN B 129 2.98 19.18 25.08
C GLN B 129 3.31 20.06 26.27
N LYS B 130 3.33 21.38 26.03
CA LYS B 130 3.62 22.38 27.06
C LYS B 130 2.70 22.11 28.23
N GLU B 131 1.48 21.66 27.93
CA GLU B 131 0.43 21.37 28.93
C GLU B 131 0.54 20.01 29.56
N THR B 132 1.27 19.13 28.92
CA THR B 132 1.47 17.83 29.48
C THR B 132 2.68 17.94 30.36
N ARG B 133 3.60 18.84 30.00
CA ARG B 133 4.68 19.13 30.92
C ARG B 133 4.15 19.76 32.24
N ARG B 134 3.06 20.53 32.14
CA ARG B 134 2.51 21.23 33.29
C ARG B 134 2.01 20.26 34.35
N VAL B 135 1.12 19.35 33.95
CA VAL B 135 0.55 18.37 34.88
C VAL B 135 1.21 16.99 34.78
N GLN B 136 2.43 16.92 34.27
CA GLN B 136 3.08 15.65 34.02
C GLN B 136 3.28 14.74 35.25
N MET B 137 3.44 15.34 36.42
CA MET B 137 3.64 14.58 37.63
C MET B 137 2.30 14.20 38.25
N ASP B 138 1.22 14.75 37.71
CA ASP B 138 -0.09 14.49 38.25
C ASP B 138 -0.52 13.09 37.88
N ARG B 139 -1.55 12.60 38.54
CA ARG B 139 -2.08 11.28 38.26
C ARG B 139 -3.41 11.36 37.50
N ARG B 140 -3.90 12.59 37.34
CA ARG B 140 -5.18 12.84 36.66
C ARG B 140 -5.13 14.22 36.08
N ALA B 141 -5.72 14.36 34.89
CA ALA B 141 -5.94 15.65 34.28
C ALA B 141 -7.24 15.42 33.57
N SER B 142 -8.05 16.45 33.40
CA SER B 142 -9.28 16.27 32.62
C SER B 142 -9.10 16.59 31.13
N LEU B 143 -9.82 15.84 30.30
CA LEU B 143 -9.81 16.02 28.87
C LEU B 143 -11.10 16.67 28.36
N THR B 144 -11.06 17.95 28.05
CA THR B 144 -12.19 18.52 27.31
C THR B 144 -12.04 18.13 25.84
N VAL B 145 -12.87 17.16 25.44
CA VAL B 145 -12.91 16.72 24.05
C VAL B 145 -14.18 17.14 23.29
N TYR B 146 -14.12 17.03 21.96
CA TYR B 146 -15.25 17.35 21.09
C TYR B 146 -15.66 16.08 20.29
N ARG B 147 -16.94 15.77 20.34
CA ARG B 147 -17.49 14.56 19.69
C ARG B 147 -18.88 14.86 19.12
N LYS B 148 -18.95 14.85 17.78
CA LYS B 148 -20.23 15.03 17.09
C LYS B 148 -20.96 16.30 17.53
N GLY B 149 -20.20 17.28 17.99
CA GLY B 149 -20.75 18.60 18.33
C GLY B 149 -20.86 18.86 19.81
N ARG B 150 -20.81 17.79 20.60
CA ARG B 150 -20.94 17.92 22.03
C ARG B 150 -19.56 18.00 22.65
N LEU B 151 -19.38 18.97 23.56
CA LEU B 151 -18.13 19.06 24.30
C LEU B 151 -18.24 18.16 25.51
N LEU B 152 -17.37 17.14 25.52
CA LEU B 152 -17.33 16.17 26.60
C LEU B 152 -16.18 16.50 27.53
N THR B 153 -16.21 15.88 28.70
CA THR B 153 -15.18 16.03 29.68
C THR B 153 -14.91 14.65 30.20
N LEU B 154 -13.64 14.26 30.14
CA LEU B 154 -13.18 12.95 30.52
C LEU B 154 -12.03 13.13 31.48
N THR B 155 -11.76 12.11 32.27
CA THR B 155 -10.64 12.14 33.18
C THR B 155 -9.64 11.21 32.55
N LEU B 156 -8.39 11.64 32.39
CA LEU B 156 -7.36 10.69 32.08
C LEU B 156 -6.59 10.38 33.34
N SER B 157 -6.05 9.17 33.48
CA SER B 157 -5.20 8.80 34.67
C SER B 157 -4.13 7.67 34.52
N GLU B 158 -3.23 7.62 35.51
CA GLU B 158 -2.28 6.55 35.66
C GLU B 158 -1.73 6.54 37.09
N GLU B 159 -1.56 5.34 37.64
CA GLU B 159 -1.22 5.10 39.04
C GLU B 159 0.14 5.67 39.53
N LYS B 160 1.13 5.74 38.65
CA LYS B 160 2.35 6.45 38.97
C LYS B 160 2.12 7.93 38.66
N ASN B 161 2.20 8.32 37.39
CA ASN B 161 2.04 9.70 36.96
C ASN B 161 1.84 9.71 35.47
N LEU B 162 1.20 10.78 34.99
CA LEU B 162 0.79 10.88 33.60
C LEU B 162 1.98 11.01 32.70
N GLY B 163 2.84 11.98 33.00
CA GLY B 163 4.07 12.15 32.24
C GLY B 163 3.98 13.08 31.05
N LEU B 164 5.15 13.35 30.47
CA LEU B 164 5.28 14.23 29.35
C LEU B 164 4.79 13.51 28.11
N ALA B 165 4.07 14.22 27.25
CA ALA B 165 3.67 13.71 25.93
C ALA B 165 4.82 13.82 24.95
N GLN B 166 5.17 12.73 24.29
CA GLN B 166 6.33 12.75 23.39
C GLN B 166 5.92 12.99 21.94
N VAL B 167 6.61 13.95 21.33
CA VAL B 167 6.25 14.44 20.00
C VAL B 167 7.05 13.75 18.92
N GLU B 168 6.54 13.81 17.68
CA GLU B 168 7.12 13.14 16.50
C GLU B 168 7.08 14.06 15.26
N THR B 169 8.11 14.01 14.39
CA THR B 169 8.05 14.62 13.04
C THR B 169 7.69 13.57 11.97
N ALA B 170 7.23 14.01 10.79
CA ALA B 170 7.06 13.08 9.67
C ALA B 170 8.38 12.31 9.43
N PRO B 171 8.29 11.01 9.05
CA PRO B 171 9.49 10.21 8.98
C PRO B 171 10.41 10.77 7.90
N MET B 172 11.67 10.37 7.96
CA MET B 172 12.63 10.82 7.00
C MET B 172 12.42 10.13 5.65
N ILE B 173 12.57 10.88 4.55
CA ILE B 173 12.30 10.32 3.24
C ILE B 173 13.51 10.48 2.35
N LEU B 174 13.55 9.66 1.28
CA LEU B 174 14.57 9.74 0.24
C LEU B 174 14.22 10.86 -0.74
N PRO B 175 15.24 11.43 -1.36
CA PRO B 175 15.04 12.49 -2.32
C PRO B 175 14.03 12.09 -3.37
N GLY B 176 14.19 10.88 -3.92
CA GLY B 176 13.33 10.42 -5.01
C GLY B 176 12.00 9.82 -4.61
N ASP B 177 11.65 9.92 -3.32
CA ASP B 177 10.47 9.26 -2.72
C ASP B 177 9.15 9.86 -3.22
N ILE B 178 8.12 9.03 -3.33
CA ILE B 178 6.84 9.47 -3.95
C ILE B 178 5.81 9.81 -2.91
N MET B 179 5.14 10.94 -3.10
CA MET B 179 4.14 11.43 -2.14
C MET B 179 2.95 10.46 -2.10
N PRO B 180 2.58 9.97 -0.89
CA PRO B 180 1.46 9.06 -0.71
C PRO B 180 0.19 9.76 -0.14
N HIS B 181 0.26 11.08 -0.04
CA HIS B 181 -0.87 11.87 0.41
C HIS B 181 -1.14 13.03 -0.57
N PRO B 182 -2.23 13.79 -0.37
CA PRO B 182 -2.39 15.01 -1.16
C PRO B 182 -1.26 15.97 -0.87
N TYR B 183 -1.20 17.06 -1.63
CA TYR B 183 -0.14 18.04 -1.39
C TYR B 183 -0.38 18.75 -0.06
N ARG B 184 0.72 19.18 0.56
CA ARG B 184 0.59 19.84 1.87
C ARG B 184 1.63 20.91 1.99
N GLY B 185 2.36 21.13 0.90
CA GLY B 185 3.36 22.17 0.91
C GLY B 185 4.75 21.60 0.80
N PRO B 186 5.73 22.48 0.72
CA PRO B 186 7.13 22.10 0.64
C PRO B 186 7.44 20.91 1.57
N CYS B 187 8.06 19.86 1.02
CA CYS B 187 8.35 18.61 1.75
C CYS B 187 9.22 18.83 2.98
N THR B 188 10.30 19.59 2.82
CA THR B 188 11.24 19.88 3.91
C THR B 188 10.54 20.58 5.07
N GLN B 189 9.30 21.00 4.85
CA GLN B 189 8.51 21.69 5.86
C GLN B 189 8.06 20.68 6.91
N CYS B 190 8.05 19.40 6.55
CA CYS B 190 7.64 18.36 7.50
C CYS B 190 8.52 17.13 7.53
N HIS B 191 9.38 16.98 6.51
CA HIS B 191 10.28 15.81 6.38
C HIS B 191 11.73 16.17 6.36
N ALA B 192 12.50 15.24 6.89
CA ALA B 192 13.96 15.26 6.74
C ALA B 192 14.38 14.39 5.53
N ILE B 193 15.44 14.79 4.84
CA ILE B 193 15.82 14.14 3.58
C ILE B 193 17.15 13.42 3.72
N GLY B 194 17.18 12.12 3.49
CA GLY B 194 18.43 11.39 3.57
C GLY B 194 18.17 9.91 3.63
N THR B 195 18.93 9.21 4.47
CA THR B 195 18.71 7.77 4.69
C THR B 195 18.97 7.31 6.17
N THR B 196 19.33 8.24 7.05
CA THR B 196 19.64 7.97 8.45
C THR B 196 18.54 7.26 9.26
N GLY B 197 17.33 7.84 9.27
CA GLY B 197 16.16 7.22 9.92
C GLY B 197 15.55 6.10 9.08
N HIS B 198 16.42 5.19 8.64
CA HIS B 198 16.16 4.23 7.56
C HIS B 198 15.58 2.91 7.99
N ILE B 199 16.32 2.20 8.85
CA ILE B 199 16.14 0.76 9.01
C ILE B 199 15.57 0.24 7.70
N THR B 200 16.39 0.34 6.64
CA THR B 200 15.99 -0.01 5.27
C THR B 200 16.74 -1.24 4.74
N PRO B 201 16.02 -2.13 4.04
CA PRO B 201 14.55 -2.11 3.82
C PRO B 201 13.74 -2.32 5.10
N ASP B 202 12.52 -1.79 5.10
CA ASP B 202 11.65 -1.84 6.28
C ASP B 202 11.37 -3.30 6.69
N PRO B 203 11.68 -3.65 7.96
CA PRO B 203 11.43 -4.96 8.56
C PRO B 203 10.16 -5.64 8.02
N ASP B 204 9.00 -4.98 8.23
CA ASP B 204 7.70 -5.34 7.59
C ASP B 204 7.78 -6.05 6.20
N GLY B 205 8.70 -5.62 5.34
CA GLY B 205 8.81 -6.20 3.99
C GLY B 205 9.99 -7.11 3.71
N ILE B 206 10.62 -7.68 4.75
CA ILE B 206 11.60 -8.76 4.53
C ILE B 206 10.91 -10.10 4.78
N VAL B 207 11.10 -11.05 3.88
CA VAL B 207 10.46 -12.36 3.94
C VAL B 207 11.35 -13.39 4.61
N LEU B 208 10.83 -14.11 5.60
CA LEU B 208 11.65 -15.12 6.27
C LEU B 208 11.47 -16.51 5.70
N PRO B 209 12.57 -17.13 5.25
CA PRO B 209 12.50 -18.53 4.81
C PRO B 209 11.86 -19.37 5.93
N PRO B 210 10.86 -20.23 5.61
CA PRO B 210 10.30 -20.98 6.73
C PRO B 210 11.38 -21.91 7.23
N GLY B 211 11.30 -22.30 8.50
CA GLY B 211 12.34 -23.13 9.07
C GLY B 211 12.49 -24.41 8.27
N PRO B 212 13.59 -25.15 8.49
CA PRO B 212 13.55 -26.60 8.18
C PRO B 212 12.54 -27.35 9.07
N ILE B 213 12.34 -28.63 8.79
CA ILE B 213 11.49 -29.50 9.59
C ILE B 213 11.98 -30.92 9.33
N ARG B 214 12.00 -31.77 10.35
CA ARG B 214 12.38 -33.18 10.13
C ARG B 214 11.17 -33.88 9.57
N ALA B 215 11.39 -35.00 8.88
CA ALA B 215 10.30 -35.85 8.39
C ALA B 215 9.27 -36.15 9.51
N GLY B 216 8.00 -36.37 9.16
CA GLY B 216 6.97 -36.66 10.16
C GLY B 216 6.70 -35.52 11.13
N ALA B 217 7.35 -34.37 10.90
CA ALA B 217 7.10 -33.16 11.66
C ALA B 217 5.62 -32.84 11.67
N LYS B 218 5.14 -32.24 12.76
CA LYS B 218 3.74 -31.83 12.84
C LYS B 218 3.52 -30.51 12.14
N MET B 219 2.38 -30.34 11.49
CA MET B 219 2.06 -29.06 10.86
C MET B 219 1.35 -28.18 11.89
N PRO B 220 1.91 -26.98 12.16
CA PRO B 220 1.32 -25.99 13.04
C PRO B 220 0.34 -25.03 12.33
N HIS B 221 0.40 -24.95 10.99
CA HIS B 221 -0.44 -24.01 10.24
C HIS B 221 -1.43 -24.77 9.42
N ARG B 222 -2.38 -24.05 8.82
CA ARG B 222 -3.32 -24.66 7.86
C ARG B 222 -2.61 -25.46 6.74
N ASP B 223 -3.42 -26.21 5.98
CA ASP B 223 -2.91 -26.91 4.81
C ASP B 223 -2.35 -25.87 3.88
N ARG B 224 -1.16 -26.09 3.37
CA ARG B 224 -0.64 -25.11 2.44
C ARG B 224 -0.14 -25.70 1.12
N GLY B 225 -0.22 -27.03 0.96
CA GLY B 225 0.52 -27.76 -0.10
C GLY B 225 1.66 -28.61 0.45
N PRO B 226 2.37 -29.35 -0.44
CA PRO B 226 3.47 -30.26 -0.05
C PRO B 226 4.61 -29.54 0.65
N CYS B 227 5.00 -30.07 1.80
CA CYS B 227 6.11 -29.55 2.60
C CYS B 227 7.32 -29.11 1.81
N ALA B 228 7.95 -30.03 1.07
CA ALA B 228 9.24 -29.72 0.40
C ALA B 228 9.17 -28.46 -0.48
N ALA B 229 7.96 -28.02 -0.79
CA ALA B 229 7.76 -26.85 -1.65
C ALA B 229 8.22 -25.56 -0.98
N CYS B 230 8.01 -25.46 0.35
CA CYS B 230 8.46 -24.31 1.15
C CYS B 230 9.50 -24.66 2.21
N HIS B 231 9.56 -25.93 2.60
CA HIS B 231 10.47 -26.37 3.64
C HIS B 231 11.59 -27.17 3.08
N ALA B 232 12.75 -27.06 3.72
CA ALA B 232 13.85 -27.99 3.45
C ALA B 232 13.62 -29.21 4.36
N ILE B 233 13.34 -30.37 3.77
CA ILE B 233 13.05 -31.56 4.58
C ILE B 233 14.32 -32.31 5.03
N ILE B 234 14.30 -32.80 6.28
CA ILE B 234 15.39 -33.60 6.89
C ILE B 234 14.94 -35.07 6.95
FE HEC C . -1.03 6.66 -13.27
CHA HEC C . -1.19 3.58 -11.72
CHB HEC C . -2.97 8.09 -10.82
CHC HEC C . -0.11 9.77 -14.52
CHD HEC C . 0.07 5.12 -16.09
NA HEC C . -1.96 5.96 -11.55
C1A HEC C . -1.94 4.70 -11.09
C2A HEC C . -2.71 4.52 -9.83
C3A HEC C . -3.26 5.86 -9.55
C4A HEC C . -2.71 6.65 -10.68
CMA HEC C . -4.13 6.32 -8.41
CAA HEC C . -2.93 3.22 -9.09
CBA HEC C . -4.19 2.74 -9.81
CGA HEC C . -4.77 1.50 -9.19
O1A HEC C . -5.74 0.95 -9.77
O2A HEC C . -4.27 1.11 -8.12
NB HEC C . -1.49 8.63 -12.75
C1B HEC C . -2.24 9.04 -11.70
C2B HEC C . -2.33 10.51 -11.52
C3B HEC C . -1.48 10.96 -12.62
C4B HEC C . -1.00 9.76 -13.32
CMB HEC C . -3.11 11.29 -10.49
CAB HEC C . -1.14 12.34 -13.00
CBB HEC C . -1.61 13.55 -12.21
NC HEC C . -0.16 7.34 -15.05
C1C HEC C . 0.15 8.61 -15.42
C2C HEC C . 0.78 8.70 -16.77
C3C HEC C . 0.82 7.30 -17.18
C4C HEC C . 0.24 6.57 -16.06
CMC HEC C . 1.24 9.92 -17.51
CAC HEC C . 1.32 6.60 -18.39
CBC HEC C . 2.39 7.19 -19.35
ND HEC C . -0.64 4.65 -13.84
C1D HEC C . -0.15 4.19 -14.99
C2D HEC C . 0.09 2.74 -15.11
C3D HEC C . -0.28 2.26 -13.78
C4D HEC C . -0.68 3.52 -13.09
CMD HEC C . 0.60 1.97 -16.29
CAD HEC C . -0.21 0.84 -13.23
CBD HEC C . 1.05 0.84 -12.29
CGD HEC C . 2.44 0.97 -12.95
O1D HEC C . 3.24 1.89 -12.63
O2D HEC C . 2.85 0.15 -13.82
FE HEC D . -12.17 -18.62 13.97
CHA HEC D . -12.78 -19.32 10.58
CHB HEC D . -13.67 -21.55 14.86
CHC HEC D . -10.93 -18.16 17.12
CHD HEC D . -11.52 -15.34 13.13
NA HEC D . -13.09 -20.21 12.91
C1A HEC D . -13.24 -20.32 11.55
C2A HEC D . -13.93 -21.54 11.08
C3A HEC D . -14.24 -22.25 12.36
C4A HEC D . -13.65 -21.33 13.40
CMA HEC D . -14.96 -23.58 12.53
CAA HEC D . -14.27 -21.90 9.65
CBA HEC D . -15.45 -20.98 9.27
CGA HEC D . -16.41 -21.58 8.24
O1A HEC D . -17.63 -21.36 8.48
O2A HEC D . -16.00 -22.21 7.22
NB HEC D . -12.30 -19.70 15.73
C1B HEC D . -12.90 -20.88 15.92
C2B HEC D . -12.79 -21.40 17.29
C3B HEC D . -11.96 -20.36 17.95
C4B HEC D . -11.73 -19.37 16.89
CMB HEC D . -13.37 -22.69 17.83
CAB HEC D . -11.37 -20.19 19.33
CBB HEC D . -10.90 -21.38 20.26
NC HEC D . -11.37 -17.00 15.02
C1C HEC D . -10.91 -16.95 16.28
C2C HEC D . -10.35 -15.64 16.72
C3C HEC D . -10.52 -14.85 15.51
C4C HEC D . -11.15 -15.76 14.52
CMC HEC D . -9.78 -15.26 18.06
CAC HEC D . -10.17 -13.43 15.24
CBC HEC D . -9.05 -12.76 16.04
ND HEC D . -12.16 -17.50 12.17
C1D HEC D . -11.87 -16.19 11.98
C2D HEC D . -11.95 -15.71 10.58
C3D HEC D . -12.33 -16.89 9.81
C4D HEC D . -12.44 -17.92 10.89
CMD HEC D . -11.71 -14.35 10.01
CAD HEC D . -12.53 -16.96 8.33
CBD HEC D . -11.49 -17.93 7.71
CGD HEC D . -10.00 -17.57 7.84
O1D HEC D . -9.41 -17.82 8.93
O2D HEC D . -9.36 -17.07 6.87
FE HEC E . 4.79 13.73 3.53
CHA HEC E . 3.93 10.70 4.80
CHB HEC E . 6.86 12.27 1.17
CHC HEC E . 4.90 16.73 1.92
CHD HEC E . 3.75 15.26 6.41
NA HEC E . 5.33 11.78 3.03
C1A HEC E . 4.91 10.68 3.68
C2A HEC E . 5.50 9.42 3.12
C3A HEC E . 6.39 9.88 2.03
C4A HEC E . 6.19 11.35 2.09
CMA HEC E . 7.25 9.04 1.12
CAA HEC E . 5.25 8.03 3.63
CBA HEC E . 6.15 7.98 4.87
CGA HEC E . 6.55 6.56 5.17
O1A HEC E . 7.78 6.29 5.29
O2A HEC E . 5.63 5.72 5.27
NB HEC E . 5.74 14.39 1.80
C1B HEC E . 6.52 13.70 0.94
C2B HEC E . 7.01 14.46 -0.24
C3B HEC E . 6.39 15.76 0.03
C4B HEC E . 5.66 15.62 1.30
CMB HEC E . 7.89 13.98 -1.38
CAB HEC E . 6.42 17.04 -0.72
CBB HEC E . 6.46 17.04 -2.25
NC HEC E . 4.40 15.70 4.08
C1C HEC E . 4.50 16.80 3.33
C2C HEC E . 4.13 18.07 4.01
C3C HEC E . 3.79 17.58 5.35
C4C HEC E . 3.98 16.14 5.26
CMC HEC E . 4.12 19.45 3.45
CAC HEC E . 3.30 18.31 6.55
CBC HEC E . 2.52 19.68 6.51
ND HEC E . 3.95 13.07 5.35
C1D HEC E . 3.57 13.81 6.41
C2D HEC E . 2.98 13.09 7.56
C3D HEC E . 3.02 11.69 7.10
C4D HEC E . 3.65 11.82 5.73
CMD HEC E . 2.47 13.67 8.83
CAD HEC E . 2.52 10.46 7.81
CBD HEC E . 1.27 9.91 7.06
CGD HEC E . 0.07 10.84 6.78
O1D HEC E . -0.33 11.01 5.61
O2D HEC E . -0.57 11.41 7.68
FE HEC F . 5.13 -24.95 7.04
CHA HEC F . 6.11 -22.89 9.72
CHB HEC F . 5.55 -27.73 8.97
CHC HEC F . 3.81 -26.85 4.48
CHD HEC F . 5.34 -22.21 4.93
NA HEC F . 5.74 -25.28 9.03
C1A HEC F . 6.11 -24.35 9.96
C2A HEC F . 6.49 -24.93 11.28
C3A HEC F . 6.35 -26.39 11.07
C4A HEC F . 5.88 -26.46 9.65
CMA HEC F . 6.61 -27.48 12.07
CAA HEC F . 6.96 -24.19 12.51
CBA HEC F . 8.38 -23.73 12.13
CGA HEC F . 9.26 -23.58 13.36
O1A HEC F . 10.47 -23.88 13.20
O2A HEC F . 8.77 -23.17 14.46
NB HEC F . 4.73 -26.97 6.78
C1B HEC F . 4.92 -27.96 7.66
C2B HEC F . 4.54 -29.30 7.21
C3B HEC F . 4.00 -29.03 5.86
C4B HEC F . 4.19 -27.57 5.71
CMB HEC F . 4.66 -30.57 7.99
CAB HEC F . 3.38 -29.92 4.79
CBB HEC F . 2.68 -31.26 5.04
NC HEC F . 4.69 -24.60 5.02
C1C HEC F . 4.16 -25.46 4.11
C2C HEC F . 3.89 -24.92 2.75
C3C HEC F . 4.34 -23.53 2.93
C4C HEC F . 4.81 -23.45 4.34
CMC HEC F . 3.31 -25.61 1.55
CAC HEC F . 4.37 -22.40 1.96
CBC HEC F . 3.29 -22.18 0.89
ND HEC F . 5.64 -22.91 7.28
C1D HEC F . 5.67 -21.94 6.33
C2D HEC F . 6.07 -20.58 6.80
C3D HEC F . 6.31 -20.76 8.24
C4D HEC F . 6.02 -22.22 8.42
CMD HEC F . 6.17 -19.34 5.96
CAD HEC F . 6.73 -19.69 9.25
CBD HEC F . 5.68 -19.41 10.35
CGD HEC F . 4.29 -18.84 9.96
O1D HEC F . 3.52 -19.45 9.20
O2D HEC F . 3.90 -17.75 10.44
#